data_6DNR
#
_entry.id   6DNR
#
_cell.length_a   63.773
_cell.length_b   63.773
_cell.length_c   376.493
_cell.angle_alpha   90.00
_cell.angle_beta   90.00
_cell.angle_gamma   120.00
#
_symmetry.space_group_name_H-M   'P 65 2 2'
#
loop_
_entity.id
_entity.type
_entity.pdbx_description
1 polymer 'PRPP Riboswitch'
2 non-polymer 'MAGNESIUM ION'
#
_entity_poly.entity_id   1
_entity_poly.type   'polyribonucleotide'
_entity_poly.pdbx_seq_one_letter_code
;(GTP)GAAAGUGUGUCUAGGGUUCCGCGUGCUUCGGCACGGACUGGUCCAAGUGACACAGACGCAUUCGUGCGUUACACC
GGAGGGAUAGAAGCCCAGGCGGGUAGGUUU(CCC)
;
_entity_poly.pdbx_strand_id   A
#
loop_
_chem_comp.id
_chem_comp.type
_chem_comp.name
_chem_comp.formula
A RNA linking ADENOSINE-5'-MONOPHOSPHATE 'C10 H14 N5 O7 P'
C RNA linking CYTIDINE-5'-MONOPHOSPHATE 'C9 H14 N3 O8 P'
CCC RNA linking 'CYTIDINE-5'-PHOSPHATE-2',3'-CYCLIC PHOSPHATE' 'C9 H13 N3 O10 P2'
G RNA linking GUANOSINE-5'-MONOPHOSPHATE 'C10 H14 N5 O8 P'
GTP non-polymer GUANOSINE-5'-TRIPHOSPHATE 'C10 H16 N5 O14 P3'
MG non-polymer 'MAGNESIUM ION' 'Mg 2'
U RNA linking URIDINE-5'-MONOPHOSPHATE 'C9 H13 N2 O9 P'
#
# COMPACT_ATOMS: atom_id res chain seq x y z
PG GTP A 1 -2.15 2.65 5.17
O1G GTP A 1 -3.38 1.78 5.41
O2G GTP A 1 -1.55 3.15 6.47
O3G GTP A 1 -1.08 1.86 4.46
O3B GTP A 1 -2.53 3.95 4.29
PB GTP A 1 -4.01 4.38 3.83
O1B GTP A 1 -4.78 4.84 5.03
O2B GTP A 1 -3.98 5.39 2.69
O3A GTP A 1 -4.51 2.93 3.34
PA GTP A 1 -3.59 2.22 2.24
O1A GTP A 1 -4.56 1.87 1.14
O2A GTP A 1 -2.90 0.99 2.78
O5' GTP A 1 -2.53 3.33 1.66
C5' GTP A 1 -1.10 3.36 1.76
C4' GTP A 1 -0.62 4.81 1.48
O4' GTP A 1 -1.35 5.68 2.30
C3' GTP A 1 0.84 5.17 1.74
O3' GTP A 1 1.66 4.99 0.61
C2' GTP A 1 0.83 6.65 2.12
O2' GTP A 1 0.86 7.48 1.00
C1' GTP A 1 -0.56 6.80 2.67
N9 GTP A 1 -0.43 6.87 4.12
C8 GTP A 1 -0.80 5.87 4.97
N7 GTP A 1 -0.54 6.24 6.23
C5 GTP A 1 0.00 7.47 6.17
C6 GTP A 1 0.43 8.28 7.19
O6 GTP A 1 0.30 7.82 8.32
N1 GTP A 1 0.95 9.53 6.90
C2 GTP A 1 1.04 9.96 5.58
N2 GTP A 1 1.53 11.15 5.27
N3 GTP A 1 0.60 9.13 4.56
C4 GTP A 1 0.09 7.89 4.86
PC CCC A 107 5.41 -7.16 -9.77
O1C CCC A 107 3.93 -7.02 -10.06
O2C CCC A 107 6.26 -6.60 -10.91
P CCC A 107 4.94 -11.74 -4.93
OP1 CCC A 107 5.45 -12.93 -5.70
OP2 CCC A 107 5.66 -11.31 -3.67
O5' CCC A 107 4.88 -10.47 -5.90
C5' CCC A 107 4.17 -10.58 -7.12
C4' CCC A 107 4.08 -9.19 -7.68
O4' CCC A 107 3.56 -8.34 -6.63
C3' CCC A 107 5.49 -8.68 -7.98
O3' CCC A 107 5.75 -8.68 -9.39
C2' CCC A 107 5.47 -7.24 -7.46
O2' CCC A 107 5.73 -6.27 -8.47
C1' CCC A 107 4.09 -7.02 -6.85
N1 CCC A 107 4.34 -6.29 -5.63
C2 CCC A 107 4.47 -4.98 -5.71
O2 CCC A 107 4.34 -4.40 -6.77
N3 CCC A 107 4.73 -4.29 -4.61
C4 CCC A 107 4.87 -5.02 -3.51
N4 CCC A 107 5.14 -4.42 -2.37
C5 CCC A 107 4.72 -6.28 -3.56
C6 CCC A 107 4.48 -6.86 -4.57
MG MG B . -34.16 2.51 16.22
MG MG C . -20.46 -3.60 3.15
MG MG D . -19.50 2.39 3.51
#